data_5OPF
#
_entry.id   5OPF
#
_cell.length_a   43.859
_cell.length_b   55.088
_cell.length_c   75.106
_cell.angle_alpha   90.00
_cell.angle_beta   90.00
_cell.angle_gamma   90.00
#
_symmetry.space_group_name_H-M   'P 21 21 21'
#
loop_
_entity.id
_entity.type
_entity.pdbx_description
1 polymer 'Chitin-binding domain 3 protein'
2 non-polymer 'COPPER (II) ION'
3 water water
#
_entity_poly.entity_id   1
_entity_poly.type   'polypeptide(L)'
_entity_poly.pdbx_seq_one_letter_code
;HGSVVDPASRSYSCWQRWGGDFQNPAMATQDPMCWQAWQADPNAMWNWNGLFREGVAGNHQGAIPDGQLCSGGRTQSGRY
NALDTVGAWKTVPVTNNFRVKFFDQASHGADYIRVYVTKQGYNALTSPLRWSDLELVGQIGNTPASQWTREVDGVSIQIP
ANAPGRTGRHVVYTIWQASHLDQSYYLCSDVDFG
;
_entity_poly.pdbx_strand_id   A
#
# COMPACT_ATOMS: atom_id res chain seq x y z
N HIS A 1 12.22 -6.24 0.17
CA HIS A 1 11.38 -6.00 1.34
C HIS A 1 11.26 -4.51 1.60
N GLY A 2 10.05 -3.99 1.56
CA GLY A 2 9.84 -2.57 1.72
C GLY A 2 8.39 -2.23 1.48
N SER A 3 8.10 -0.93 1.36
CA SER A 3 6.73 -0.49 1.19
C SER A 3 6.72 0.95 0.71
N VAL A 4 5.52 1.41 0.37
CA VAL A 4 5.29 2.85 0.22
C VAL A 4 5.22 3.45 1.62
N VAL A 5 6.10 4.39 1.90
CA VAL A 5 6.17 5.01 3.22
C VAL A 5 5.58 6.42 3.25
N ASP A 6 5.34 7.03 2.09
CA ASP A 6 4.73 8.36 2.03
C ASP A 6 4.11 8.47 0.63
N PRO A 7 2.77 8.41 0.51
CA PRO A 7 1.76 8.31 1.57
C PRO A 7 1.75 6.89 2.12
N ALA A 8 1.91 6.75 3.43
CA ALA A 8 2.09 5.43 4.04
C ALA A 8 1.01 4.46 3.59
N SER A 9 1.43 3.23 3.27
CA SER A 9 0.51 2.15 2.96
C SER A 9 -0.30 1.76 4.20
N ARG A 10 -1.35 0.97 4.00
CA ARG A 10 -2.21 0.63 5.15
C ARG A 10 -1.42 -0.07 6.26
N SER A 11 -0.60 -1.06 5.90
CA SER A 11 0.16 -1.74 6.92
CA SER A 11 0.21 -1.76 6.87
CA SER A 11 0.22 -1.77 6.87
C SER A 11 1.24 -0.84 7.51
N TYR A 12 1.94 -0.06 6.69
CA TYR A 12 2.98 0.82 7.23
C TYR A 12 2.40 1.87 8.14
N SER A 13 1.24 2.42 7.77
CA SER A 13 0.57 3.45 8.58
C SER A 13 0.14 2.87 9.92
N CYS A 14 -0.49 1.69 9.93
CA CYS A 14 -0.88 1.09 11.21
C CYS A 14 0.33 0.75 12.06
N TRP A 15 1.44 0.33 11.43
CA TRP A 15 2.66 0.01 12.17
C TRP A 15 3.31 1.27 12.72
N GLN A 16 3.45 2.31 11.89
CA GLN A 16 4.10 3.53 12.34
C GLN A 16 3.32 4.18 13.47
N ARG A 17 1.99 4.27 13.31
CA ARG A 17 1.22 5.05 14.26
C ARG A 17 0.89 4.29 15.54
N TRP A 18 0.75 2.97 15.48
CA TRP A 18 0.34 2.18 16.64
C TRP A 18 1.33 1.12 17.08
N GLY A 19 2.43 0.90 16.36
CA GLY A 19 3.34 -0.18 16.74
C GLY A 19 3.85 -0.05 18.16
N GLY A 20 4.14 1.18 18.60
CA GLY A 20 4.62 1.41 19.95
C GLY A 20 3.55 1.22 21.02
N ASP A 21 2.28 1.24 20.64
CA ASP A 21 1.16 1.11 21.57
C ASP A 21 0.06 0.23 20.97
N PHE A 22 0.44 -0.94 20.46
CA PHE A 22 -0.44 -1.73 19.59
C PHE A 22 -1.56 -2.43 20.33
N GLN A 23 -1.53 -2.47 21.65
CA GLN A 23 -2.61 -3.04 22.43
C GLN A 23 -3.44 -1.97 23.16
N ASN A 24 -3.29 -0.71 22.76
CA ASN A 24 -4.04 0.39 23.38
C ASN A 24 -5.52 0.23 23.09
N PRO A 25 -6.37 0.02 24.11
CA PRO A 25 -7.81 -0.16 23.83
C PRO A 25 -8.46 1.04 23.16
N ALA A 26 -7.88 2.23 23.33
CA ALA A 26 -8.41 3.42 22.67
C ALA A 26 -8.44 3.28 21.15
N MET A 27 -7.60 2.40 20.59
CA MET A 27 -7.55 2.24 19.14
C MET A 27 -8.90 1.82 18.58
N ALA A 28 -9.69 1.06 19.34
CA ALA A 28 -10.95 0.57 18.82
C ALA A 28 -11.87 1.72 18.39
N THR A 29 -11.81 2.85 19.09
CA THR A 29 -12.58 4.05 18.79
CA THR A 29 -12.60 3.99 18.69
C THR A 29 -11.81 5.01 17.89
N GLN A 30 -10.53 5.21 18.16
CA GLN A 30 -9.76 6.22 17.45
C GLN A 30 -9.39 5.79 16.04
N ASP A 31 -9.21 4.49 15.80
CA ASP A 31 -8.76 4.00 14.49
C ASP A 31 -9.29 2.58 14.31
N PRO A 32 -10.60 2.46 14.07
CA PRO A 32 -11.21 1.11 13.98
CA PRO A 32 -11.20 1.10 13.99
C PRO A 32 -10.59 0.22 12.92
N MET A 33 -10.12 0.79 11.82
CA MET A 33 -9.51 -0.06 10.78
C MET A 33 -8.17 -0.62 11.23
N CYS A 34 -7.32 0.18 11.88
CA CYS A 34 -6.10 -0.42 12.42
C CYS A 34 -6.41 -1.40 13.57
N TRP A 35 -7.43 -1.12 14.37
CA TRP A 35 -7.80 -2.05 15.44
C TRP A 35 -8.18 -3.42 14.89
N GLN A 36 -9.07 -3.46 13.89
CA GLN A 36 -9.47 -4.77 13.37
C GLN A 36 -8.29 -5.48 12.71
N ALA A 37 -7.36 -4.71 12.14
CA ALA A 37 -6.17 -5.33 11.55
C ALA A 37 -5.26 -5.91 12.62
N TRP A 38 -4.93 -5.12 13.65
CA TRP A 38 -4.06 -5.62 14.71
C TRP A 38 -4.68 -6.81 15.42
N GLN A 39 -6.00 -6.80 15.61
CA GLN A 39 -6.65 -7.90 16.29
C GLN A 39 -6.65 -9.17 15.43
N ALA A 40 -6.77 -9.04 14.12
CA ALA A 40 -6.86 -10.20 13.24
C ALA A 40 -5.50 -10.88 13.06
N ASP A 41 -4.45 -10.10 12.84
CA ASP A 41 -3.13 -10.67 12.66
C ASP A 41 -2.09 -9.57 12.80
N PRO A 42 -1.44 -9.45 13.97
CA PRO A 42 -0.45 -8.38 14.15
CA PRO A 42 -0.45 -8.38 14.15
C PRO A 42 0.70 -8.47 13.16
N ASN A 43 0.98 -9.65 12.59
CA ASN A 43 2.11 -9.76 11.67
C ASN A 43 1.88 -9.00 10.37
N ALA A 44 0.63 -8.63 10.04
CA ALA A 44 0.42 -7.76 8.88
C ALA A 44 1.15 -6.44 9.05
N MET A 45 1.34 -6.02 10.30
CA MET A 45 2.05 -4.79 10.63
C MET A 45 3.52 -5.05 10.97
N TRP A 46 3.81 -6.05 11.81
CA TRP A 46 5.22 -6.30 12.11
C TRP A 46 5.99 -6.61 10.83
N ASN A 47 5.36 -7.33 9.91
CA ASN A 47 5.92 -7.66 8.59
C ASN A 47 5.39 -6.74 7.51
N TRP A 48 5.31 -5.44 7.82
CA TRP A 48 4.88 -4.45 6.84
C TRP A 48 5.72 -4.47 5.58
N ASN A 49 6.96 -4.97 5.66
CA ASN A 49 7.89 -4.97 4.54
C ASN A 49 7.73 -6.17 3.61
N GLY A 50 6.77 -7.05 3.87
CA GLY A 50 6.71 -8.33 3.19
C GLY A 50 5.43 -8.64 2.45
N LEU A 51 4.74 -7.61 1.94
CA LEU A 51 3.45 -7.80 1.30
C LEU A 51 3.65 -8.10 -0.20
N PHE A 52 4.10 -9.33 -0.45
CA PHE A 52 4.45 -9.77 -1.79
C PHE A 52 3.82 -11.10 -2.15
N ARG A 53 3.72 -11.31 -3.46
CA ARG A 53 3.52 -12.60 -4.10
C ARG A 53 4.79 -12.96 -4.86
N GLU A 54 4.91 -14.23 -5.23
CA GLU A 54 5.98 -14.69 -6.12
C GLU A 54 5.38 -15.48 -7.26
N GLY A 55 6.02 -15.40 -8.41
CA GLY A 55 5.60 -16.18 -9.58
C GLY A 55 4.43 -15.62 -10.36
N VAL A 56 4.06 -14.34 -10.15
CA VAL A 56 2.92 -13.76 -10.85
C VAL A 56 3.17 -13.61 -12.34
N ALA A 57 4.44 -13.56 -12.76
CA ALA A 57 4.78 -13.51 -14.19
C ALA A 57 4.10 -12.34 -14.89
N GLY A 58 3.99 -11.22 -14.18
CA GLY A 58 3.45 -10.00 -14.74
C GLY A 58 1.93 -9.93 -14.79
N ASN A 59 1.23 -11.02 -14.51
CA ASN A 59 -0.22 -11.03 -14.61
C ASN A 59 -0.86 -10.66 -13.27
N HIS A 60 -0.67 -9.40 -12.89
CA HIS A 60 -1.13 -8.95 -11.58
C HIS A 60 -2.65 -9.05 -11.46
N GLN A 61 -3.37 -8.61 -12.48
CA GLN A 61 -4.83 -8.64 -12.39
C GLN A 61 -5.34 -10.07 -12.37
N GLY A 62 -4.65 -10.99 -13.03
CA GLY A 62 -5.08 -12.39 -12.98
C GLY A 62 -4.88 -12.99 -11.61
N ALA A 63 -3.85 -12.57 -10.90
CA ALA A 63 -3.54 -13.13 -9.59
C ALA A 63 -4.30 -12.51 -8.45
N ILE A 64 -4.93 -11.34 -8.66
CA ILE A 64 -5.48 -10.55 -7.56
C ILE A 64 -6.93 -10.21 -7.84
N PRO A 65 -7.88 -10.97 -7.33
CA PRO A 65 -9.30 -10.66 -7.58
C PRO A 65 -9.71 -9.33 -6.98
N ASP A 66 -10.74 -8.74 -7.58
CA ASP A 66 -11.35 -7.55 -7.02
C ASP A 66 -11.72 -7.80 -5.57
N GLY A 67 -11.54 -6.78 -4.73
CA GLY A 67 -11.79 -6.89 -3.31
C GLY A 67 -10.64 -7.48 -2.51
N GLN A 68 -9.57 -7.92 -3.17
CA GLN A 68 -8.39 -8.48 -2.54
C GLN A 68 -7.13 -7.72 -2.93
N LEU A 69 -7.26 -6.51 -3.48
CA LEU A 69 -6.08 -5.78 -3.93
C LEU A 69 -5.15 -5.46 -2.76
N CYS A 70 -5.71 -4.99 -1.64
CA CYS A 70 -4.87 -4.49 -0.56
C CYS A 70 -4.17 -5.59 0.24
N SER A 71 -4.63 -6.84 0.12
CA SER A 71 -3.95 -7.99 0.72
C SER A 71 -3.09 -8.74 -0.29
N GLY A 72 -2.91 -8.21 -1.49
CA GLY A 72 -2.13 -8.92 -2.50
C GLY A 72 -2.76 -10.23 -2.92
N GLY A 73 -4.08 -10.30 -3.01
CA GLY A 73 -4.73 -11.55 -3.32
C GLY A 73 -4.66 -12.54 -2.18
N ARG A 74 -4.80 -12.06 -0.95
CA ARG A 74 -4.73 -12.91 0.24
C ARG A 74 -3.42 -13.70 0.26
N THR A 75 -2.34 -13.01 -0.09
CA THR A 75 -1.02 -13.63 -0.14
C THR A 75 -0.59 -14.14 1.22
N GLN A 76 0.35 -15.09 1.20
CA GLN A 76 1.00 -15.61 2.38
C GLN A 76 0.00 -16.09 3.43
N SER A 77 -0.88 -16.98 2.97
CA SER A 77 -1.82 -17.66 3.84
C SER A 77 -2.73 -16.69 4.57
N GLY A 78 -3.01 -15.55 3.96
CA GLY A 78 -3.97 -14.62 4.50
C GLY A 78 -3.44 -13.63 5.52
N ARG A 79 -2.12 -13.51 5.66
CA ARG A 79 -1.54 -12.63 6.66
C ARG A 79 -2.10 -11.22 6.60
N TYR A 80 -2.33 -10.70 5.40
CA TYR A 80 -2.73 -9.31 5.20
C TYR A 80 -4.22 -9.14 4.87
N ASN A 81 -5.05 -10.16 5.11
CA ASN A 81 -6.45 -10.11 4.70
C ASN A 81 -7.20 -8.94 5.31
N ALA A 82 -6.87 -8.55 6.55
CA ALA A 82 -7.60 -7.46 7.20
C ALA A 82 -7.38 -6.11 6.50
N LEU A 83 -6.38 -6.01 5.63
CA LEU A 83 -6.21 -4.77 4.87
C LEU A 83 -7.27 -4.62 3.79
N ASP A 84 -8.05 -5.66 3.50
CA ASP A 84 -9.12 -5.57 2.51
C ASP A 84 -10.42 -5.04 3.10
N THR A 85 -10.51 -4.85 4.41
CA THR A 85 -11.76 -4.40 5.02
C THR A 85 -12.12 -3.01 4.51
N VAL A 86 -13.40 -2.78 4.29
CA VAL A 86 -13.86 -1.46 3.86
CA VAL A 86 -13.92 -1.48 3.84
C VAL A 86 -14.22 -0.63 5.08
N GLY A 87 -13.76 0.61 5.09
CA GLY A 87 -14.05 1.49 6.20
C GLY A 87 -13.17 2.73 6.21
N ALA A 88 -13.22 3.46 7.32
CA ALA A 88 -12.59 4.78 7.43
C ALA A 88 -11.12 4.67 7.84
N TRP A 89 -10.32 4.08 6.94
CA TRP A 89 -8.88 4.04 7.10
C TRP A 89 -8.33 5.45 7.19
N LYS A 90 -7.34 5.66 8.05
CA LYS A 90 -6.75 6.99 8.19
C LYS A 90 -6.03 7.41 6.90
N THR A 91 -6.33 8.63 6.45
CA THR A 91 -5.71 9.21 5.26
C THR A 91 -4.58 10.16 5.64
N VAL A 92 -3.74 10.48 4.65
CA VAL A 92 -2.85 11.63 4.73
C VAL A 92 -3.19 12.57 3.58
N PRO A 93 -2.92 13.86 3.71
CA PRO A 93 -3.26 14.81 2.67
C PRO A 93 -2.25 14.82 1.53
N VAL A 94 -2.77 14.87 0.30
CA VAL A 94 -1.94 14.95 -0.90
C VAL A 94 -2.58 15.96 -1.85
N THR A 95 -1.79 16.40 -2.84
CA THR A 95 -2.28 17.23 -3.93
C THR A 95 -2.35 16.39 -5.21
N ASN A 96 -3.00 16.94 -6.24
CA ASN A 96 -3.25 16.13 -7.43
C ASN A 96 -1.97 15.67 -8.10
N ASN A 97 -0.96 16.53 -8.14
CA ASN A 97 0.40 16.13 -8.51
C ASN A 97 1.12 15.84 -7.22
N PHE A 98 1.48 14.57 -7.00
CA PHE A 98 2.07 14.15 -5.76
C PHE A 98 3.19 13.17 -6.07
N ARG A 99 3.89 12.76 -5.02
CA ARG A 99 5.05 11.88 -5.12
C ARG A 99 4.87 10.71 -4.18
N VAL A 100 5.14 9.50 -4.68
CA VAL A 100 5.09 8.28 -3.89
C VAL A 100 6.52 7.93 -3.52
N LYS A 101 6.82 7.90 -2.22
CA LYS A 101 8.13 7.51 -1.72
C LYS A 101 8.12 6.03 -1.41
N PHE A 102 8.92 5.26 -2.16
CA PHE A 102 9.07 3.83 -1.95
C PHE A 102 10.38 3.58 -1.21
N PHE A 103 10.33 2.79 -0.13
CA PHE A 103 11.49 2.43 0.67
C PHE A 103 11.74 0.92 0.56
N ASP A 104 12.95 0.54 0.17
CA ASP A 104 13.37 -0.86 0.01
C ASP A 104 14.55 -1.11 0.95
N GLN A 105 14.34 -1.94 1.97
CA GLN A 105 15.42 -2.29 2.89
C GLN A 105 16.49 -3.15 2.24
N ALA A 106 16.17 -3.85 1.16
CA ALA A 106 16.99 -4.93 0.64
C ALA A 106 17.73 -4.61 -0.64
N SER A 107 17.52 -3.44 -1.24
CA SER A 107 18.22 -3.04 -2.46
C SER A 107 18.01 -4.03 -3.61
N HIS A 108 16.76 -4.43 -3.83
CA HIS A 108 16.43 -5.37 -4.90
C HIS A 108 16.40 -4.74 -6.29
N GLY A 109 16.26 -3.42 -6.40
CA GLY A 109 15.93 -2.81 -7.67
C GLY A 109 14.47 -3.03 -8.06
N ALA A 110 14.07 -2.38 -9.14
CA ALA A 110 12.73 -2.57 -9.71
C ALA A 110 12.80 -2.84 -11.20
N ASP A 111 12.00 -3.81 -11.66
CA ASP A 111 11.71 -3.91 -13.08
C ASP A 111 10.76 -2.79 -13.49
N TYR A 112 9.86 -2.42 -12.59
CA TYR A 112 8.96 -1.28 -12.73
C TYR A 112 8.29 -1.06 -11.39
N ILE A 113 7.81 0.17 -11.19
CA ILE A 113 6.86 0.48 -10.11
C ILE A 113 5.73 1.27 -10.75
N ARG A 114 4.50 0.80 -10.56
CA ARG A 114 3.31 1.43 -11.13
C ARG A 114 2.47 2.01 -10.01
N VAL A 115 1.99 3.23 -10.22
CA VAL A 115 1.14 3.95 -9.27
C VAL A 115 -0.21 4.20 -9.90
N TYR A 116 -1.25 3.67 -9.27
CA TYR A 116 -2.64 3.86 -9.65
C TYR A 116 -3.35 4.68 -8.59
N VAL A 117 -4.37 5.45 -8.99
CA VAL A 117 -5.24 6.14 -8.05
C VAL A 117 -6.68 5.90 -8.45
N THR A 118 -7.54 5.75 -7.44
CA THR A 118 -8.97 5.58 -7.67
C THR A 118 -9.56 6.78 -8.40
N LYS A 119 -10.59 6.48 -9.18
CA LYS A 119 -11.31 7.47 -9.95
C LYS A 119 -12.32 8.21 -9.07
N GLN A 120 -12.54 9.49 -9.38
CA GLN A 120 -13.57 10.24 -8.67
C GLN A 120 -14.89 9.51 -8.80
N GLY A 121 -15.58 9.38 -7.66
CA GLY A 121 -16.79 8.60 -7.56
C GLY A 121 -16.62 7.32 -6.75
N TYR A 122 -15.40 6.78 -6.68
CA TYR A 122 -15.14 5.63 -5.84
C TYR A 122 -15.29 6.03 -4.38
N ASN A 123 -16.00 5.21 -3.60
CA ASN A 123 -16.21 5.45 -2.17
C ASN A 123 -15.49 4.38 -1.34
N ALA A 124 -14.31 4.70 -0.83
CA ALA A 124 -13.53 3.75 -0.06
C ALA A 124 -14.20 3.35 1.25
N LEU A 125 -15.16 4.15 1.72
CA LEU A 125 -15.83 3.85 2.98
C LEU A 125 -16.83 2.72 2.83
N THR A 126 -17.36 2.50 1.63
CA THR A 126 -18.45 1.57 1.41
C THR A 126 -18.18 0.48 0.39
N SER A 127 -17.18 0.63 -0.47
CA SER A 127 -17.07 -0.23 -1.64
C SER A 127 -15.73 -0.93 -1.68
N PRO A 128 -15.69 -2.22 -1.99
CA PRO A 128 -14.40 -2.92 -2.13
C PRO A 128 -13.62 -2.33 -3.30
N LEU A 129 -12.30 -2.30 -3.14
CA LEU A 129 -11.45 -1.77 -4.20
C LEU A 129 -11.38 -2.76 -5.35
N ARG A 130 -11.68 -2.28 -6.56
CA ARG A 130 -11.65 -3.07 -7.78
C ARG A 130 -10.61 -2.53 -8.74
N TRP A 131 -10.08 -3.40 -9.59
CA TRP A 131 -9.17 -2.94 -10.63
C TRP A 131 -9.79 -1.85 -11.48
N SER A 132 -11.09 -1.96 -11.79
CA SER A 132 -11.76 -0.97 -12.63
C SER A 132 -11.92 0.38 -11.96
N ASP A 133 -11.74 0.45 -10.65
CA ASP A 133 -11.71 1.75 -9.97
C ASP A 133 -10.41 2.50 -10.16
N LEU A 134 -9.37 1.87 -10.70
CA LEU A 134 -8.01 2.42 -10.70
C LEU A 134 -7.61 2.95 -12.08
N GLU A 135 -6.90 4.08 -12.08
CA GLU A 135 -6.27 4.64 -13.26
C GLU A 135 -4.76 4.71 -13.04
N LEU A 136 -3.98 4.31 -14.04
CA LEU A 136 -2.53 4.43 -13.96
C LEU A 136 -2.14 5.90 -14.06
N VAL A 137 -1.44 6.42 -13.04
CA VAL A 137 -1.11 7.85 -12.96
C VAL A 137 0.37 8.12 -12.73
N GLY A 138 1.18 7.09 -12.51
CA GLY A 138 2.63 7.25 -12.48
C GLY A 138 3.29 5.92 -12.70
N GLN A 139 4.52 5.94 -13.22
CA GLN A 139 5.22 4.68 -13.52
C GLN A 139 6.69 4.97 -13.73
N ILE A 140 7.54 4.14 -13.12
CA ILE A 140 8.95 4.08 -13.47
C ILE A 140 9.23 2.69 -14.03
N GLY A 141 10.20 2.63 -14.94
CA GLY A 141 10.65 1.39 -15.53
C GLY A 141 11.80 0.77 -14.77
N ASN A 142 12.68 0.09 -15.50
CA ASN A 142 13.74 -0.68 -14.86
C ASN A 142 14.69 0.28 -14.16
N THR A 143 14.81 0.11 -12.86
CA THR A 143 15.57 1.04 -12.01
C THR A 143 16.39 0.22 -11.03
N PRO A 144 17.63 -0.10 -11.40
CA PRO A 144 18.50 -0.87 -10.50
C PRO A 144 18.74 -0.12 -9.20
N ALA A 145 19.06 -0.89 -8.15
CA ALA A 145 19.23 -0.33 -6.82
C ALA A 145 20.31 0.74 -6.78
N SER A 146 21.34 0.60 -7.63
CA SER A 146 22.42 1.56 -7.64
C SER A 146 21.92 2.97 -7.90
N GLN A 147 20.71 3.11 -8.44
CA GLN A 147 20.14 4.41 -8.82
C GLN A 147 19.11 4.92 -7.82
N TRP A 148 18.77 4.14 -6.80
CA TRP A 148 17.92 4.60 -5.73
C TRP A 148 18.74 5.44 -4.75
N THR A 149 18.03 6.27 -4.00
CA THR A 149 18.65 7.19 -3.06
C THR A 149 19.04 6.46 -1.79
N ARG A 150 20.26 6.71 -1.33
CA ARG A 150 20.75 6.07 -0.11
C ARG A 150 19.95 6.52 1.10
N GLU A 151 19.58 5.56 1.94
CA GLU A 151 18.94 5.83 3.22
C GLU A 151 19.69 5.08 4.31
N VAL A 152 19.30 5.36 5.56
CA VAL A 152 19.64 4.46 6.66
C VAL A 152 18.88 3.16 6.47
N ASP A 153 19.61 2.06 6.40
CA ASP A 153 19.03 0.72 6.39
C ASP A 153 18.22 0.44 5.13
N GLY A 154 18.61 1.04 4.03
CA GLY A 154 18.01 0.69 2.74
C GLY A 154 18.21 1.81 1.73
N VAL A 155 17.31 1.85 0.76
CA VAL A 155 17.33 2.84 -0.31
C VAL A 155 15.89 3.25 -0.58
N SER A 156 15.73 4.40 -1.22
CA SER A 156 14.40 4.89 -1.53
C SER A 156 14.34 5.53 -2.90
N ILE A 157 13.13 5.73 -3.40
CA ILE A 157 12.94 6.46 -4.64
C ILE A 157 11.57 7.12 -4.62
N GLN A 158 11.47 8.26 -5.31
CA GLN A 158 10.21 8.99 -5.42
C GLN A 158 9.65 8.80 -6.82
N ILE A 159 8.38 8.42 -6.92
CA ILE A 159 7.69 8.22 -8.19
C ILE A 159 6.67 9.35 -8.35
N PRO A 160 6.83 10.22 -9.35
CA PRO A 160 5.81 11.25 -9.60
C PRO A 160 4.50 10.63 -10.04
N ALA A 161 3.40 11.25 -9.62
CA ALA A 161 2.07 10.78 -9.96
C ALA A 161 1.18 12.00 -10.16
N ASN A 162 0.29 11.94 -11.14
CA ASN A 162 -0.63 13.05 -11.42
C ASN A 162 -2.03 12.47 -11.58
N ALA A 163 -2.92 12.80 -10.64
CA ALA A 163 -4.28 12.28 -10.61
C ALA A 163 -5.24 13.46 -10.77
N PRO A 164 -5.49 13.90 -12.01
CA PRO A 164 -6.34 15.08 -12.20
C PRO A 164 -7.76 14.83 -11.77
N GLY A 165 -8.37 15.90 -11.26
CA GLY A 165 -9.79 15.90 -10.96
C GLY A 165 -10.17 15.27 -9.64
N ARG A 166 -9.26 14.64 -8.92
CA ARG A 166 -9.61 14.02 -7.65
C ARG A 166 -9.75 15.06 -6.55
N THR A 167 -10.79 14.86 -5.73
CA THR A 167 -10.99 15.60 -4.49
C THR A 167 -11.42 14.60 -3.42
N GLY A 168 -11.04 14.89 -2.18
CA GLY A 168 -11.46 14.04 -1.08
C GLY A 168 -10.73 12.70 -1.01
N ARG A 169 -11.36 11.78 -0.27
CA ARG A 169 -10.77 10.49 0.05
C ARG A 169 -10.63 9.60 -1.16
N HIS A 170 -9.44 9.00 -1.29
CA HIS A 170 -9.07 8.12 -2.40
C HIS A 170 -8.11 7.05 -1.90
N VAL A 171 -7.79 6.10 -2.79
CA VAL A 171 -6.79 5.08 -2.52
C VAL A 171 -5.77 5.09 -3.64
N VAL A 172 -4.50 5.08 -3.27
CA VAL A 172 -3.37 4.86 -4.16
C VAL A 172 -3.03 3.37 -4.10
N TYR A 173 -2.81 2.77 -5.27
CA TYR A 173 -2.37 1.38 -5.34
C TYR A 173 -1.05 1.35 -6.08
N THR A 174 -0.01 0.89 -5.40
CA THR A 174 1.35 0.86 -5.94
C THR A 174 1.77 -0.59 -6.08
N ILE A 175 2.27 -0.95 -7.26
CA ILE A 175 2.76 -2.29 -7.57
C ILE A 175 4.26 -2.17 -7.83
N TRP A 176 5.06 -2.88 -7.05
CA TRP A 176 6.51 -2.96 -7.23
C TRP A 176 6.86 -4.35 -7.74
N GLN A 177 7.43 -4.44 -8.95
CA GLN A 177 8.01 -5.69 -9.45
C GLN A 177 9.50 -5.60 -9.15
N ALA A 178 9.97 -6.39 -8.19
CA ALA A 178 11.37 -6.36 -7.80
C ALA A 178 12.23 -7.08 -8.85
N SER A 179 13.53 -6.76 -8.86
CA SER A 179 14.40 -7.23 -9.95
C SER A 179 15.20 -8.49 -9.63
N HIS A 180 15.26 -8.92 -8.38
CA HIS A 180 16.09 -10.05 -7.97
C HIS A 180 15.43 -11.41 -8.15
N LEU A 181 14.13 -11.42 -8.42
CA LEU A 181 13.26 -12.59 -8.36
C LEU A 181 11.95 -12.14 -8.96
N ASP A 182 11.14 -13.09 -9.45
CA ASP A 182 9.76 -12.74 -9.81
C ASP A 182 8.97 -12.62 -8.50
N GLN A 183 9.03 -11.43 -7.92
CA GLN A 183 8.43 -11.11 -6.63
C GLN A 183 7.81 -9.74 -6.76
N SER A 184 6.54 -9.63 -6.44
CA SER A 184 5.77 -8.41 -6.65
C SER A 184 5.03 -8.02 -5.37
N TYR A 185 5.01 -6.71 -5.11
CA TYR A 185 4.44 -6.16 -3.89
C TYR A 185 3.26 -5.25 -4.23
N TYR A 186 2.26 -5.24 -3.34
CA TYR A 186 0.95 -4.64 -3.62
C TYR A 186 0.56 -3.75 -2.45
N LEU A 187 0.66 -2.42 -2.64
CA LEU A 187 0.53 -1.47 -1.53
C LEU A 187 -0.64 -0.52 -1.74
N CYS A 188 -1.67 -0.62 -0.90
CA CYS A 188 -2.74 0.37 -0.85
C CYS A 188 -2.36 1.46 0.13
N SER A 189 -2.54 2.72 -0.26
CA SER A 189 -2.34 3.87 0.64
C SER A 189 -3.59 4.75 0.60
N ASP A 190 -4.13 5.06 1.78
CA ASP A 190 -5.29 5.95 1.86
C ASP A 190 -4.84 7.40 1.88
N VAL A 191 -5.44 8.20 1.00
CA VAL A 191 -5.07 9.61 0.85
C VAL A 191 -6.32 10.46 0.77
N ASP A 192 -6.14 11.76 0.95
CA ASP A 192 -7.22 12.72 0.77
C ASP A 192 -6.65 13.85 -0.07
N PHE A 193 -7.19 14.03 -1.28
CA PHE A 193 -6.74 15.05 -2.22
C PHE A 193 -7.20 16.46 -1.84
N GLY A 194 -7.93 16.60 -0.74
CA GLY A 194 -8.35 17.91 -0.26
C GLY A 194 -9.69 18.33 -0.79
#